data_3OEM
#
_entry.id   3OEM
#
_cell.length_a   59.819
_cell.length_b   113.885
_cell.length_c   94.666
_cell.angle_alpha   90.00
_cell.angle_beta   90.00
_cell.angle_gamma   90.00
#
_symmetry.space_group_name_H-M   'C 2 2 21'
#
loop_
_entity.id
_entity.type
_entity.pdbx_description
1 polymer 'Glutamate [NMDA] receptor subunit epsilon-4'
2 non-polymer 'N-methyl-D-aspartic acid'
3 water water
#
_entity_poly.entity_id   1
_entity_poly.type   'polypeptide(L)'
_entity_poly.pdbx_seq_one_letter_code
;GDDTQHLTVATLEERPFVIVEPADPISGTCIRDSVPCRSQLNRTHSPPPDAPRPEKRCCKGFCIDILKRLAHTIGFSYDL
YLVTNGKHGKKIDGVWNGMIGEVFYQRADMAIGSLTINEERSEIVDFSVPFVETGISVMVARGTTVSGLSDRKFQRPQEQ
YPPLKFGTVPNGSTEKNIRSNYPDMHSYMVRYNQPRVEEALTQLKAGKLDAFIYDAAVLNYMARKDEGCKLVTIGSGKVF
ATTGYGIALHKGSRWKRPIDLALLQFLGDDEIEMLERLWLSGICHN
;
_entity_poly.pdbx_strand_id   A
#
# COMPACT_ATOMS: atom_id res chain seq x y z
N GLN A 5 2.47 -23.29 -13.92
CA GLN A 5 2.66 -23.96 -12.64
C GLN A 5 3.76 -23.30 -11.79
N HIS A 6 4.67 -22.56 -12.43
CA HIS A 6 5.62 -21.75 -11.69
C HIS A 6 5.49 -20.26 -12.03
N LEU A 7 5.18 -19.44 -11.03
CA LEU A 7 4.95 -18.02 -11.27
C LEU A 7 6.04 -17.17 -10.64
N THR A 8 6.41 -16.09 -11.33
CA THR A 8 7.32 -15.12 -10.75
C THR A 8 6.47 -13.99 -10.17
N VAL A 9 6.67 -13.69 -8.90
CA VAL A 9 5.82 -12.72 -8.23
C VAL A 9 6.63 -11.53 -7.74
N ALA A 10 6.20 -10.34 -8.12
CA ALA A 10 6.84 -9.11 -7.65
C ALA A 10 6.15 -8.58 -6.41
N THR A 11 6.93 -8.13 -5.43
CA THR A 11 6.32 -7.49 -4.26
C THR A 11 7.16 -6.32 -3.76
N LEU A 12 6.72 -5.70 -2.67
CA LEU A 12 7.33 -4.49 -2.20
C LEU A 12 7.05 -4.37 -0.71
N GLU A 13 8.05 -3.96 0.07
CA GLU A 13 7.81 -3.86 1.51
C GLU A 13 6.88 -2.71 1.83
N GLU A 14 5.84 -3.00 2.60
CA GLU A 14 4.94 -2.00 3.15
C GLU A 14 4.21 -2.63 4.32
N ARG A 15 4.75 -2.43 5.52
CA ARG A 15 4.23 -3.09 6.69
C ARG A 15 2.84 -2.56 7.00
N PRO A 16 1.93 -3.45 7.44
CA PRO A 16 2.14 -4.86 7.76
C PRO A 16 1.66 -5.77 6.64
N PHE A 17 1.51 -5.24 5.44
CA PHE A 17 1.08 -6.07 4.32
C PHE A 17 2.23 -6.92 3.78
N VAL A 18 3.41 -6.32 3.70
CA VAL A 18 4.62 -7.04 3.34
C VAL A 18 5.71 -6.52 4.25
N ILE A 19 6.33 -7.44 4.98
CA ILE A 19 7.36 -7.15 5.95
C ILE A 19 8.59 -7.96 5.58
N VAL A 20 9.74 -7.29 5.46
CA VAL A 20 10.97 -7.93 5.02
C VAL A 20 11.93 -8.07 6.19
N GLU A 21 12.55 -9.24 6.32
CA GLU A 21 13.50 -9.46 7.41
C GLU A 21 14.63 -10.33 6.92
N PRO A 22 15.79 -10.29 7.60
CA PRO A 22 16.88 -11.17 7.19
C PRO A 22 16.53 -12.60 7.55
N ALA A 23 17.19 -13.57 6.91
CA ALA A 23 17.07 -14.95 7.33
C ALA A 23 17.56 -15.11 8.79
N ASP A 24 17.02 -16.12 9.47
CA ASP A 24 17.45 -16.45 10.82
C ASP A 24 18.95 -16.74 10.78
N PRO A 25 19.75 -15.98 11.53
CA PRO A 25 21.20 -16.18 11.46
C PRO A 25 21.62 -17.58 11.93
N ILE A 26 20.86 -18.16 12.86
CA ILE A 26 21.19 -19.49 13.37
C ILE A 26 21.03 -20.59 12.31
N SER A 27 19.90 -20.58 11.62
CA SER A 27 19.62 -21.60 10.62
C SER A 27 19.99 -21.15 9.21
N GLY A 28 20.09 -19.84 9.01
CA GLY A 28 20.33 -19.29 7.69
C GLY A 28 19.14 -19.48 6.77
N THR A 29 17.99 -19.82 7.34
CA THR A 29 16.78 -20.03 6.56
C THR A 29 15.68 -19.10 7.03
N CYS A 30 14.58 -19.07 6.26
CA CYS A 30 13.38 -18.37 6.65
C CYS A 30 12.56 -19.28 7.54
N ILE A 31 12.49 -18.95 8.82
CA ILE A 31 11.68 -19.71 9.75
C ILE A 31 10.35 -19.00 10.02
N ARG A 32 9.55 -19.57 10.92
CA ARG A 32 8.22 -19.08 11.23
C ARG A 32 7.34 -19.04 9.99
N ASP A 33 6.51 -18.01 9.90
CA ASP A 33 5.57 -17.90 8.80
C ASP A 33 6.16 -17.13 7.61
N SER A 34 7.47 -17.07 7.48
CA SER A 34 8.11 -16.27 6.43
C SER A 34 8.46 -17.10 5.20
N VAL A 35 8.60 -16.43 4.06
CA VAL A 35 9.04 -17.08 2.84
C VAL A 35 10.23 -16.35 2.23
N PRO A 36 11.10 -17.08 1.54
CA PRO A 36 12.25 -16.51 0.83
C PRO A 36 11.82 -15.47 -0.20
N CYS A 37 12.50 -14.33 -0.20
CA CYS A 37 12.31 -13.34 -1.25
C CYS A 37 13.66 -12.71 -1.58
N ARG A 38 13.95 -12.57 -2.87
CA ARG A 38 15.20 -11.95 -3.31
C ARG A 38 14.93 -10.52 -3.74
N SER A 39 15.99 -9.75 -3.98
CA SER A 39 15.84 -8.40 -4.51
C SER A 39 15.86 -8.40 -6.03
N GLN A 40 15.12 -7.48 -6.63
CA GLN A 40 15.17 -7.30 -8.08
C GLN A 40 16.61 -7.03 -8.54
N LEU A 41 17.38 -6.34 -7.70
CA LEU A 41 18.78 -6.04 -8.01
C LEU A 41 19.60 -7.31 -8.26
N ASN A 42 19.23 -8.41 -7.62
CA ASN A 42 19.90 -9.68 -7.83
C ASN A 42 19.18 -10.52 -8.86
N LYS A 56 18.83 -15.37 2.20
CA LYS A 56 19.18 -13.95 2.25
C LYS A 56 18.08 -13.14 2.94
N ARG A 57 17.01 -12.81 2.20
CA ARG A 57 15.91 -12.05 2.78
C ARG A 57 14.64 -12.90 2.84
N CYS A 58 13.79 -12.63 3.82
CA CYS A 58 12.54 -13.35 4.00
C CYS A 58 11.40 -12.36 4.12
N CYS A 59 10.22 -12.74 3.66
CA CYS A 59 9.05 -11.87 3.62
C CYS A 59 7.90 -12.51 4.40
N LYS A 60 7.15 -11.69 5.12
CA LYS A 60 5.93 -12.14 5.79
C LYS A 60 4.91 -11.02 5.76
N GLY A 61 3.70 -11.30 6.22
CA GLY A 61 2.71 -10.25 6.36
C GLY A 61 1.39 -10.67 5.77
N PHE A 62 0.43 -9.76 5.81
CA PHE A 62 -0.93 -10.03 5.35
C PHE A 62 -0.93 -10.51 3.89
N CYS A 63 -0.26 -9.77 3.02
CA CYS A 63 -0.27 -10.12 1.60
C CYS A 63 0.49 -11.41 1.31
N ILE A 64 1.55 -11.65 2.08
CA ILE A 64 2.32 -12.88 1.92
C ILE A 64 1.49 -14.09 2.35
N ASP A 65 0.70 -13.93 3.41
CA ASP A 65 -0.21 -15.00 3.83
C ASP A 65 -1.29 -15.28 2.76
N ILE A 66 -1.75 -14.23 2.09
CA ILE A 66 -2.65 -14.40 0.94
C ILE A 66 -1.95 -15.21 -0.16
N LEU A 67 -0.72 -14.82 -0.47
CA LEU A 67 0.04 -15.48 -1.53
C LEU A 67 0.25 -16.96 -1.22
N LYS A 68 0.62 -17.27 0.02
CA LYS A 68 0.81 -18.66 0.44
C LYS A 68 -0.46 -19.48 0.24
N ARG A 69 -1.61 -18.89 0.56
CA ARG A 69 -2.88 -19.59 0.44
C ARG A 69 -3.32 -19.77 -1.02
N LEU A 70 -3.05 -18.77 -1.86
CA LEU A 70 -3.34 -18.89 -3.29
C LEU A 70 -2.50 -19.99 -3.91
N ALA A 71 -1.22 -20.02 -3.54
CA ALA A 71 -0.29 -21.00 -4.09
C ALA A 71 -0.76 -22.42 -3.76
N HIS A 72 -1.19 -22.60 -2.52
CA HIS A 72 -1.65 -23.90 -2.07
C HIS A 72 -3.00 -24.28 -2.68
N THR A 73 -3.93 -23.32 -2.72
CA THR A 73 -5.29 -23.59 -3.21
C THR A 73 -5.34 -23.82 -4.72
N ILE A 74 -4.57 -23.03 -5.46
CA ILE A 74 -4.58 -23.11 -6.91
C ILE A 74 -3.55 -24.13 -7.40
N GLY A 75 -2.45 -24.27 -6.66
CA GLY A 75 -1.45 -25.28 -6.95
C GLY A 75 -0.35 -24.78 -7.86
N PHE A 76 0.28 -23.66 -7.50
CA PHE A 76 1.46 -23.21 -8.23
C PHE A 76 2.63 -23.04 -7.28
N SER A 77 3.83 -23.11 -7.83
CA SER A 77 5.02 -22.72 -7.08
C SER A 77 5.35 -21.31 -7.55
N TYR A 78 6.18 -20.62 -6.78
CA TYR A 78 6.51 -19.23 -7.12
C TYR A 78 7.91 -18.82 -6.69
N ASP A 79 8.37 -17.77 -7.34
CA ASP A 79 9.64 -17.12 -7.08
C ASP A 79 9.27 -15.68 -6.73
N LEU A 80 9.51 -15.29 -5.49
CA LEU A 80 9.10 -13.98 -5.01
C LEU A 80 10.28 -13.02 -4.98
N TYR A 81 10.09 -11.82 -5.52
CA TYR A 81 11.14 -10.82 -5.46
C TYR A 81 10.64 -9.44 -5.11
N LEU A 82 11.54 -8.68 -4.51
CA LEU A 82 11.26 -7.32 -4.07
C LEU A 82 11.67 -6.33 -5.15
N VAL A 83 10.76 -5.45 -5.51
CA VAL A 83 11.01 -4.44 -6.54
C VAL A 83 11.97 -3.37 -6.04
N THR A 84 12.96 -3.04 -6.86
CA THR A 84 13.88 -1.92 -6.59
C THR A 84 13.74 -0.81 -7.63
N ASN A 85 13.08 -1.11 -8.75
CA ASN A 85 12.84 -0.11 -9.78
C ASN A 85 11.59 0.70 -9.45
N GLY A 86 11.71 1.64 -8.52
CA GLY A 86 10.57 2.38 -8.04
C GLY A 86 9.79 1.57 -7.01
N LYS A 87 8.52 1.88 -6.83
CA LYS A 87 7.73 1.30 -5.76
C LYS A 87 6.48 0.61 -6.30
N HIS A 88 5.31 1.17 -6.00
CA HIS A 88 4.06 0.54 -6.46
C HIS A 88 3.85 0.64 -7.97
N GLY A 89 4.01 1.84 -8.51
CA GLY A 89 3.82 1.98 -9.94
C GLY A 89 3.54 3.42 -10.29
N LYS A 90 4.40 4.00 -11.11
CA LYS A 90 4.17 5.33 -11.63
C LYS A 90 4.56 5.36 -13.08
N LYS A 91 3.77 6.09 -13.87
CA LYS A 91 4.06 6.29 -15.28
C LYS A 91 4.69 7.66 -15.50
N ILE A 92 5.90 7.68 -16.04
CA ILE A 92 6.59 8.93 -16.35
C ILE A 92 7.10 8.91 -17.78
N ASP A 93 6.73 9.93 -18.55
CA ASP A 93 7.21 10.05 -19.93
C ASP A 93 6.99 8.73 -20.69
N GLY A 94 5.83 8.10 -20.51
CA GLY A 94 5.46 6.93 -21.30
C GLY A 94 5.88 5.56 -20.77
N VAL A 95 6.55 5.53 -19.62
CA VAL A 95 7.13 4.29 -19.11
C VAL A 95 6.69 4.04 -17.66
N TRP A 96 6.29 2.81 -17.36
CA TRP A 96 5.88 2.45 -16.00
C TRP A 96 7.06 1.90 -15.22
N ASN A 97 7.15 2.27 -13.95
CA ASN A 97 8.07 1.60 -13.04
C ASN A 97 7.32 0.82 -11.95
N GLY A 98 8.05 0.33 -10.96
CA GLY A 98 7.43 -0.27 -9.78
C GLY A 98 6.80 -1.61 -10.08
N MET A 99 5.94 -2.08 -9.18
CA MET A 99 5.28 -3.38 -9.35
C MET A 99 4.45 -3.43 -10.61
N ILE A 100 3.75 -2.34 -10.89
CA ILE A 100 2.93 -2.26 -12.10
C ILE A 100 3.79 -2.47 -13.36
N GLY A 101 4.94 -1.81 -13.41
CA GLY A 101 5.87 -1.96 -14.53
C GLY A 101 6.36 -3.40 -14.68
N GLU A 102 6.66 -4.06 -13.57
CA GLU A 102 7.13 -5.45 -13.61
C GLU A 102 6.12 -6.35 -14.29
N VAL A 103 4.85 -6.14 -13.97
CA VAL A 103 3.76 -6.91 -14.56
C VAL A 103 3.49 -6.48 -16.02
N PHE A 104 3.38 -5.19 -16.24
CA PHE A 104 3.10 -4.62 -17.56
C PHE A 104 4.17 -5.02 -18.59
N TYR A 105 5.43 -5.00 -18.19
CA TYR A 105 6.51 -5.38 -19.10
C TYR A 105 6.82 -6.88 -19.05
N GLN A 106 5.95 -7.63 -18.36
CA GLN A 106 6.01 -9.08 -18.31
C GLN A 106 7.27 -9.65 -17.68
N ARG A 107 7.83 -8.89 -16.73
CA ARG A 107 8.96 -9.38 -15.95
C ARG A 107 8.47 -10.28 -14.83
N ALA A 108 7.22 -10.06 -14.42
CA ALA A 108 6.60 -10.86 -13.38
C ALA A 108 5.22 -11.27 -13.86
N ASP A 109 4.78 -12.45 -13.43
CA ASP A 109 3.44 -12.94 -13.73
C ASP A 109 2.37 -12.24 -12.91
N MET A 110 2.76 -11.82 -11.71
CA MET A 110 1.83 -11.10 -10.87
C MET A 110 2.58 -10.23 -9.88
N ALA A 111 1.86 -9.27 -9.30
CA ALA A 111 2.44 -8.45 -8.26
C ALA A 111 1.43 -8.38 -7.13
N ILE A 112 1.91 -8.54 -5.91
CA ILE A 112 1.02 -8.48 -4.77
C ILE A 112 1.65 -7.67 -3.65
N GLY A 113 0.83 -6.90 -2.96
CA GLY A 113 1.26 -6.13 -1.82
C GLY A 113 0.13 -5.16 -1.59
N SER A 114 0.47 -3.99 -1.08
CA SER A 114 -0.51 -2.93 -0.86
C SER A 114 -0.68 -2.16 -2.16
N LEU A 115 -1.10 -2.85 -3.20
CA LEU A 115 -1.17 -2.27 -4.53
C LEU A 115 -2.60 -1.80 -4.83
N THR A 116 -2.78 -0.48 -4.87
CA THR A 116 -4.12 0.10 -5.00
C THR A 116 -4.62 0.08 -6.44
N ILE A 117 -5.86 -0.37 -6.60
CA ILE A 117 -6.51 -0.36 -7.90
C ILE A 117 -6.92 1.07 -8.25
N ASN A 118 -6.49 1.55 -9.40
CA ASN A 118 -7.00 2.81 -9.93
C ASN A 118 -7.22 2.73 -11.43
N GLU A 119 -7.83 3.74 -12.01
CA GLU A 119 -8.20 3.70 -13.42
C GLU A 119 -6.99 3.59 -14.35
N GLU A 120 -5.99 4.42 -14.10
CA GLU A 120 -4.77 4.42 -14.88
C GLU A 120 -4.14 3.02 -14.98
N ARG A 121 -3.99 2.38 -13.83
CA ARG A 121 -3.36 1.07 -13.79
C ARG A 121 -4.26 0.00 -14.43
N SER A 122 -5.56 0.08 -14.12
CA SER A 122 -6.52 -0.90 -14.63
C SER A 122 -6.59 -0.90 -16.16
N GLU A 123 -6.17 0.19 -16.77
CA GLU A 123 -6.15 0.26 -18.23
C GLU A 123 -5.09 -0.66 -18.83
N ILE A 124 -4.03 -0.95 -18.08
CA ILE A 124 -2.89 -1.64 -18.68
C ILE A 124 -2.54 -2.99 -18.04
N VAL A 125 -3.05 -3.25 -16.85
CA VAL A 125 -2.89 -4.57 -16.23
C VAL A 125 -4.26 -5.04 -15.78
N ASP A 126 -4.42 -6.34 -15.63
CA ASP A 126 -5.65 -6.86 -15.04
C ASP A 126 -5.45 -6.88 -13.52
N PHE A 127 -6.51 -6.64 -12.78
CA PHE A 127 -6.45 -6.76 -11.32
C PHE A 127 -7.36 -7.90 -10.88
N SER A 128 -6.97 -8.60 -9.83
CA SER A 128 -7.89 -9.50 -9.16
C SER A 128 -9.02 -8.70 -8.55
N VAL A 129 -10.04 -9.39 -8.05
CA VAL A 129 -11.02 -8.71 -7.22
C VAL A 129 -10.27 -8.14 -6.03
N PRO A 130 -10.74 -6.99 -5.51
CA PRO A 130 -10.06 -6.36 -4.38
C PRO A 130 -10.22 -7.22 -3.13
N PHE A 131 -9.17 -7.34 -2.34
CA PHE A 131 -9.22 -8.18 -1.15
C PHE A 131 -8.99 -7.37 0.14
N VAL A 132 -8.69 -6.08 -0.01
CA VAL A 132 -8.59 -5.17 1.13
C VAL A 132 -9.25 -3.87 0.73
N GLU A 133 -10.16 -3.38 1.56
CA GLU A 133 -10.81 -2.11 1.24
C GLU A 133 -9.90 -0.98 1.69
N THR A 134 -9.76 0.02 0.85
CA THR A 134 -8.91 1.14 1.21
C THR A 134 -9.40 2.41 0.54
N GLY A 135 -8.56 3.42 0.54
CA GLY A 135 -8.91 4.71 -0.03
C GLY A 135 -7.87 5.69 0.46
N ILE A 136 -8.30 6.92 0.74
CA ILE A 136 -7.37 7.93 1.20
C ILE A 136 -7.88 8.52 2.50
N SER A 137 -6.98 8.69 3.45
CA SER A 137 -7.33 9.25 4.74
C SER A 137 -6.24 10.23 5.12
N VAL A 138 -6.47 10.97 6.21
CA VAL A 138 -5.45 11.89 6.69
C VAL A 138 -5.18 11.63 8.14
N MET A 139 -3.91 11.61 8.49
CA MET A 139 -3.49 11.37 9.86
C MET A 139 -2.96 12.64 10.46
N VAL A 140 -3.39 12.94 11.68
CA VAL A 140 -2.94 14.13 12.38
C VAL A 140 -2.65 13.75 13.82
N ALA A 141 -1.95 14.61 14.53
CA ALA A 141 -1.76 14.45 15.97
C ALA A 141 -3.08 14.74 16.67
N ARG A 142 -3.35 14.01 17.75
CA ARG A 142 -4.65 14.07 18.42
C ARG A 142 -5.11 15.48 18.79
N GLY A 143 -4.16 16.38 19.05
CA GLY A 143 -4.49 17.75 19.41
C GLY A 143 -4.85 18.64 18.21
N THR A 144 -4.27 18.33 17.06
CA THR A 144 -4.40 19.17 15.87
C THR A 144 -5.85 19.43 15.44
N THR A 145 -6.21 20.70 15.38
CA THR A 145 -7.58 21.10 15.06
C THR A 145 -7.81 21.36 13.57
N VAL A 146 -8.05 20.28 12.83
CA VAL A 146 -8.58 20.38 11.47
C VAL A 146 -9.80 19.47 11.41
N SER A 147 -10.72 19.77 10.50
CA SER A 147 -11.98 19.04 10.42
C SER A 147 -11.85 17.75 9.61
N GLY A 148 -10.86 17.73 8.74
CA GLY A 148 -10.71 16.65 7.76
C GLY A 148 -10.22 17.28 6.48
N LEU A 149 -10.25 16.54 5.39
CA LEU A 149 -9.68 17.00 4.13
C LEU A 149 -10.58 17.99 3.40
N SER A 150 -11.76 18.25 3.94
CA SER A 150 -12.62 19.29 3.40
C SER A 150 -12.22 20.67 3.92
N ASP A 151 -11.36 20.67 4.94
CA ASP A 151 -10.94 21.93 5.56
C ASP A 151 -10.18 22.81 4.60
N ARG A 152 -10.43 24.12 4.67
CA ARG A 152 -9.74 25.08 3.80
C ARG A 152 -8.24 25.13 4.11
N LYS A 153 -7.87 24.74 5.33
CA LYS A 153 -6.46 24.63 5.67
C LYS A 153 -5.78 23.68 4.70
N PHE A 154 -6.53 22.67 4.25
CA PHE A 154 -6.04 21.76 3.21
C PHE A 154 -6.34 22.28 1.81
N GLN A 155 -7.58 22.72 1.60
CA GLN A 155 -8.09 23.01 0.26
C GLN A 155 -7.63 24.35 -0.31
N ARG A 156 -7.43 25.33 0.57
CA ARG A 156 -6.91 26.63 0.19
C ARG A 156 -5.68 26.91 1.06
N PRO A 157 -4.63 26.08 0.90
CA PRO A 157 -3.51 25.99 1.84
C PRO A 157 -2.75 27.30 2.03
N GLN A 158 -2.73 28.15 1.01
CA GLN A 158 -1.94 29.39 1.06
C GLN A 158 -2.74 30.62 1.45
N GLU A 159 -3.93 30.41 2.00
CA GLU A 159 -4.80 31.52 2.39
C GLU A 159 -4.60 32.04 3.82
N GLN A 160 -3.68 31.45 4.59
CA GLN A 160 -3.55 31.83 6.00
C GLN A 160 -2.11 32.03 6.51
N TYR A 161 -2.00 32.56 7.74
CA TYR A 161 -0.73 32.97 8.33
C TYR A 161 0.41 31.96 8.16
N PRO A 162 0.70 31.11 9.17
CA PRO A 162 1.63 30.05 8.74
C PRO A 162 0.80 28.99 8.06
N PRO A 163 1.18 28.59 6.85
CA PRO A 163 0.36 27.60 6.13
C PRO A 163 0.43 26.24 6.83
N LEU A 164 -0.61 25.43 6.64
CA LEU A 164 -0.60 24.08 7.19
C LEU A 164 0.43 23.27 6.41
N LYS A 165 1.26 22.52 7.12
CA LYS A 165 2.25 21.66 6.48
C LYS A 165 1.68 20.25 6.34
N PHE A 166 1.45 19.83 5.10
CA PHE A 166 0.92 18.49 4.88
C PHE A 166 1.42 17.87 3.60
N GLY A 167 1.65 16.57 3.66
CA GLY A 167 2.30 15.90 2.57
C GLY A 167 1.86 14.47 2.45
N THR A 168 2.39 13.82 1.43
CA THR A 168 2.15 12.41 1.20
C THR A 168 3.47 11.75 0.81
N VAL A 169 3.46 10.43 0.62
CA VAL A 169 4.58 9.76 -0.02
C VAL A 169 4.23 9.77 -1.50
N PRO A 170 5.05 10.42 -2.33
CA PRO A 170 4.66 10.62 -3.73
C PRO A 170 4.83 9.37 -4.58
N ASN A 171 4.35 9.46 -5.83
CA ASN A 171 4.59 8.47 -6.89
C ASN A 171 3.60 7.32 -6.97
N GLY A 172 2.68 7.27 -6.01
CA GLY A 172 1.71 6.19 -5.94
C GLY A 172 0.29 6.65 -6.21
N SER A 173 -0.68 5.83 -5.89
CA SER A 173 -2.07 6.13 -6.20
C SER A 173 -2.59 7.33 -5.42
N THR A 174 -2.05 7.55 -4.23
CA THR A 174 -2.50 8.69 -3.44
C THR A 174 -2.16 10.00 -4.12
N GLU A 175 -0.89 10.20 -4.45
CA GLU A 175 -0.51 11.41 -5.17
C GLU A 175 -1.26 11.57 -6.50
N LYS A 176 -1.42 10.46 -7.24
CA LYS A 176 -2.13 10.50 -8.52
C LYS A 176 -3.55 11.00 -8.36
N ASN A 177 -4.23 10.52 -7.32
CA ASN A 177 -5.60 10.93 -7.03
C ASN A 177 -5.69 12.42 -6.69
N ILE A 178 -4.74 12.90 -5.89
CA ILE A 178 -4.75 14.31 -5.48
C ILE A 178 -4.43 15.21 -6.66
N ARG A 179 -3.42 14.85 -7.44
CA ARG A 179 -3.06 15.64 -8.64
C ARG A 179 -4.24 15.72 -9.61
N SER A 180 -4.93 14.60 -9.83
CA SER A 180 -6.04 14.55 -10.76
C SER A 180 -7.27 15.33 -10.29
N ASN A 181 -7.56 15.24 -9.00
CA ASN A 181 -8.81 15.81 -8.47
C ASN A 181 -8.64 17.16 -7.78
N TYR A 182 -7.48 17.39 -7.19
CA TYR A 182 -7.23 18.63 -6.45
C TYR A 182 -5.86 19.18 -6.81
N PRO A 183 -5.65 19.55 -8.08
CA PRO A 183 -4.34 19.97 -8.56
C PRO A 183 -3.74 21.17 -7.81
N ASP A 184 -4.56 22.09 -7.32
CA ASP A 184 -4.03 23.24 -6.57
C ASP A 184 -3.45 22.75 -5.26
N MET A 185 -4.20 21.91 -4.55
CA MET A 185 -3.73 21.35 -3.30
C MET A 185 -2.47 20.51 -3.54
N HIS A 186 -2.49 19.70 -4.59
CA HIS A 186 -1.30 18.89 -4.94
C HIS A 186 -0.05 19.75 -5.10
N SER A 187 -0.19 20.88 -5.79
CA SER A 187 0.97 21.71 -6.06
C SER A 187 1.55 22.23 -4.74
N TYR A 188 0.70 22.45 -3.77
CA TYR A 188 1.12 22.91 -2.46
C TYR A 188 1.88 21.84 -1.66
N MET A 189 1.45 20.59 -1.79
CA MET A 189 1.97 19.47 -1.00
C MET A 189 3.34 19.00 -1.43
N VAL A 190 3.71 19.30 -2.67
CA VAL A 190 4.95 18.82 -3.26
C VAL A 190 6.18 19.04 -2.36
N ARG A 191 6.30 20.22 -1.77
CA ARG A 191 7.47 20.48 -0.94
C ARG A 191 7.47 19.66 0.35
N TYR A 192 6.34 19.03 0.67
CA TYR A 192 6.19 18.22 1.88
C TYR A 192 6.19 16.70 1.59
N ASN A 193 6.62 16.32 0.40
CA ASN A 193 6.72 14.89 0.05
C ASN A 193 7.58 14.16 1.05
N GLN A 194 7.18 12.94 1.42
CA GLN A 194 7.97 12.14 2.37
C GLN A 194 8.49 10.89 1.65
N PRO A 195 9.67 10.38 2.05
CA PRO A 195 10.29 9.25 1.33
C PRO A 195 9.63 7.90 1.64
N ARG A 196 9.11 7.76 2.84
CA ARG A 196 8.35 6.58 3.22
C ARG A 196 7.50 6.87 4.45
N VAL A 197 6.57 5.97 4.76
CA VAL A 197 5.61 6.18 5.83
C VAL A 197 6.30 6.37 7.18
N GLU A 198 7.39 5.64 7.39
CA GLU A 198 8.15 5.77 8.63
C GLU A 198 8.62 7.20 8.87
N GLU A 199 9.20 7.83 7.84
CA GLU A 199 9.68 9.19 7.97
C GLU A 199 8.52 10.18 8.11
N ALA A 200 7.44 9.94 7.37
CA ALA A 200 6.27 10.80 7.48
C ALA A 200 5.77 10.83 8.92
N LEU A 201 5.65 9.66 9.54
CA LEU A 201 5.18 9.57 10.92
C LEU A 201 6.10 10.29 11.91
N THR A 202 7.40 10.16 11.70
CA THR A 202 8.39 10.88 12.49
C THR A 202 8.21 12.40 12.36
N GLN A 203 7.97 12.87 11.14
CA GLN A 203 7.77 14.31 10.93
C GLN A 203 6.46 14.79 11.55
N LEU A 204 5.41 13.97 11.49
CA LEU A 204 4.14 14.31 12.13
C LEU A 204 4.33 14.51 13.62
N LYS A 205 5.01 13.56 14.25
CA LYS A 205 5.19 13.59 15.69
C LYS A 205 6.13 14.71 16.15
N ALA A 206 7.02 15.13 15.26
CA ALA A 206 7.96 16.22 15.56
C ALA A 206 7.34 17.57 15.22
N GLY A 207 6.15 17.56 14.62
CA GLY A 207 5.51 18.80 14.25
C GLY A 207 6.03 19.44 12.97
N LYS A 208 6.90 18.72 12.26
CA LYS A 208 7.39 19.18 10.96
C LYS A 208 6.31 19.04 9.89
N LEU A 209 5.40 18.10 10.11
CA LEU A 209 4.16 18.04 9.35
C LEU A 209 3.00 18.21 10.30
N ASP A 210 1.94 18.87 9.83
CA ASP A 210 0.69 18.95 10.59
C ASP A 210 -0.25 17.84 10.19
N ALA A 211 -0.11 17.33 8.96
CA ALA A 211 -0.94 16.22 8.55
C ALA A 211 -0.24 15.37 7.50
N PHE A 212 -0.60 14.09 7.45
CA PHE A 212 -0.06 13.15 6.47
C PHE A 212 -1.22 12.47 5.73
N ILE A 213 -1.26 12.65 4.42
CA ILE A 213 -2.35 12.11 3.63
C ILE A 213 -1.84 10.87 2.91
N TYR A 214 -2.53 9.75 3.10
CA TYR A 214 -2.03 8.50 2.54
C TYR A 214 -3.11 7.44 2.46
N ASP A 215 -2.69 6.26 2.01
CA ASP A 215 -3.54 5.11 1.88
C ASP A 215 -4.26 4.84 3.20
N ALA A 216 -5.57 4.67 3.14
CA ALA A 216 -6.39 4.49 4.34
C ALA A 216 -6.06 3.22 5.14
N ALA A 217 -5.88 2.09 4.45
CA ALA A 217 -5.63 0.83 5.15
C ALA A 217 -4.34 0.92 5.96
N VAL A 218 -3.31 1.49 5.36
CA VAL A 218 -2.03 1.67 6.05
C VAL A 218 -2.15 2.67 7.20
N LEU A 219 -2.76 3.83 6.96
CA LEU A 219 -2.88 4.86 8.00
C LEU A 219 -3.71 4.39 9.20
N ASN A 220 -4.82 3.71 8.93
CA ASN A 220 -5.64 3.19 10.00
C ASN A 220 -4.87 2.19 10.87
N TYR A 221 -4.07 1.35 10.23
CA TYR A 221 -3.24 0.41 10.97
C TYR A 221 -2.23 1.14 11.84
N MET A 222 -1.57 2.14 11.27
CA MET A 222 -0.57 2.91 12.01
C MET A 222 -1.19 3.62 13.22
N ALA A 223 -2.40 4.13 13.05
CA ALA A 223 -3.08 4.81 14.16
C ALA A 223 -3.43 3.81 15.26
N ARG A 224 -3.84 2.60 14.88
CA ARG A 224 -4.17 1.57 15.85
C ARG A 224 -2.96 1.08 16.64
N LYS A 225 -1.76 1.31 16.11
CA LYS A 225 -0.52 0.83 16.72
C LYS A 225 0.31 1.93 17.37
N ASP A 226 -0.14 3.18 17.29
CA ASP A 226 0.68 4.28 17.77
C ASP A 226 0.89 4.30 19.29
N GLU A 227 2.14 4.38 19.71
CA GLU A 227 2.48 4.44 21.13
C GLU A 227 1.88 5.67 21.79
N GLY A 228 1.02 5.46 22.78
CA GLY A 228 0.36 6.56 23.47
C GLY A 228 -0.94 6.93 22.82
N CYS A 229 -1.20 6.32 21.66
CA CYS A 229 -2.41 6.60 20.90
C CYS A 229 -2.55 8.10 20.63
N LYS A 230 -1.46 8.69 20.15
CA LYS A 230 -1.39 10.13 19.94
C LYS A 230 -1.66 10.52 18.49
N LEU A 231 -1.78 9.53 17.62
CA LEU A 231 -2.09 9.78 16.21
C LEU A 231 -3.48 9.29 15.83
N VAL A 232 -4.23 10.12 15.12
CA VAL A 232 -5.58 9.77 14.72
C VAL A 232 -5.73 9.96 13.21
N THR A 233 -6.60 9.17 12.60
CA THR A 233 -6.87 9.34 11.20
C THR A 233 -8.27 9.89 11.02
N ILE A 234 -8.43 10.70 9.98
CA ILE A 234 -9.75 11.15 9.56
C ILE A 234 -9.97 10.62 8.15
N GLY A 235 -11.07 9.90 7.95
CA GLY A 235 -11.43 9.42 6.63
C GLY A 235 -11.68 10.61 5.74
N SER A 236 -11.42 10.46 4.44
CA SER A 236 -11.57 11.59 3.53
C SER A 236 -13.03 11.90 3.21
N GLY A 237 -13.94 11.00 3.58
CA GLY A 237 -15.35 11.21 3.30
C GLY A 237 -15.61 11.24 1.80
N LYS A 238 -16.25 12.30 1.33
CA LYS A 238 -16.56 12.45 -0.10
C LYS A 238 -15.42 13.05 -0.92
N VAL A 239 -14.35 13.48 -0.24
CA VAL A 239 -13.21 14.11 -0.90
C VAL A 239 -12.50 13.15 -1.86
N PHE A 240 -12.42 11.87 -1.49
CA PHE A 240 -11.80 10.86 -2.34
C PHE A 240 -12.62 9.57 -2.35
N ALA A 241 -12.50 8.80 -3.43
CA ALA A 241 -13.26 7.57 -3.57
C ALA A 241 -12.67 6.40 -2.78
N THR A 242 -13.52 5.42 -2.48
CA THR A 242 -13.09 4.17 -1.85
C THR A 242 -12.60 3.23 -2.95
N THR A 243 -11.55 2.48 -2.67
CA THR A 243 -11.03 1.53 -3.65
C THR A 243 -10.54 0.30 -2.90
N GLY A 244 -9.61 -0.45 -3.47
CA GLY A 244 -9.11 -1.64 -2.80
C GLY A 244 -7.72 -2.02 -3.27
N TYR A 245 -7.05 -2.89 -2.53
CA TYR A 245 -5.84 -3.52 -3.02
C TYR A 245 -6.22 -4.68 -3.92
N GLY A 246 -5.51 -4.84 -5.02
CA GLY A 246 -5.73 -5.99 -5.88
C GLY A 246 -4.41 -6.56 -6.33
N ILE A 247 -4.43 -7.82 -6.76
CA ILE A 247 -3.24 -8.44 -7.31
C ILE A 247 -3.17 -8.04 -8.78
N ALA A 248 -2.04 -7.51 -9.22
CA ALA A 248 -1.87 -7.17 -10.63
C ALA A 248 -1.40 -8.36 -11.45
N LEU A 249 -2.01 -8.53 -12.61
CA LEU A 249 -1.66 -9.59 -13.55
C LEU A 249 -1.56 -9.03 -14.96
N HIS A 250 -0.90 -9.76 -15.85
CA HIS A 250 -0.82 -9.34 -17.25
C HIS A 250 -2.24 -9.12 -17.76
N LYS A 251 -2.43 -8.07 -18.55
CA LYS A 251 -3.72 -7.88 -19.23
C LYS A 251 -4.09 -9.17 -19.98
N GLY A 252 -5.26 -9.73 -19.67
CA GLY A 252 -5.71 -10.96 -20.31
C GLY A 252 -5.18 -12.25 -19.68
N SER A 253 -4.59 -12.12 -18.50
CA SER A 253 -3.95 -13.23 -17.82
C SER A 253 -4.89 -14.40 -17.58
N ARG A 254 -4.43 -15.62 -17.83
CA ARG A 254 -5.25 -16.80 -17.53
C ARG A 254 -5.29 -17.05 -16.02
N TRP A 255 -4.49 -16.29 -15.28
CA TRP A 255 -4.46 -16.44 -13.83
C TRP A 255 -5.56 -15.64 -13.13
N LYS A 256 -6.17 -14.69 -13.80
CA LYS A 256 -7.15 -13.83 -13.12
C LYS A 256 -8.33 -14.62 -12.54
N ARG A 257 -8.89 -15.54 -13.32
CA ARG A 257 -10.06 -16.27 -12.87
C ARG A 257 -9.82 -17.19 -11.66
N PRO A 258 -8.79 -18.05 -11.72
CA PRO A 258 -8.51 -18.92 -10.56
C PRO A 258 -8.21 -18.09 -9.32
N ILE A 259 -7.47 -17.01 -9.50
CA ILE A 259 -7.13 -16.16 -8.37
C ILE A 259 -8.36 -15.51 -7.75
N ASP A 260 -9.24 -14.98 -8.61
CA ASP A 260 -10.49 -14.38 -8.15
C ASP A 260 -11.35 -15.36 -7.39
N LEU A 261 -11.54 -16.56 -7.95
CA LEU A 261 -12.35 -17.58 -7.29
C LEU A 261 -11.77 -17.96 -5.93
N ALA A 262 -10.45 -18.08 -5.87
CA ALA A 262 -9.80 -18.40 -4.60
C ALA A 262 -10.01 -17.30 -3.58
N LEU A 263 -9.74 -16.06 -3.98
CA LEU A 263 -9.94 -14.93 -3.08
C LEU A 263 -11.38 -14.85 -2.60
N LEU A 264 -12.32 -15.10 -3.51
CA LEU A 264 -13.73 -15.01 -3.15
C LEU A 264 -14.06 -16.12 -2.15
N GLN A 265 -13.43 -17.27 -2.34
CA GLN A 265 -13.58 -18.40 -1.43
C GLN A 265 -13.01 -18.06 -0.05
N PHE A 266 -11.80 -17.49 -0.02
CA PHE A 266 -11.18 -17.08 1.25
C PHE A 266 -12.07 -16.11 2.00
N LEU A 267 -12.65 -15.16 1.27
CA LEU A 267 -13.56 -14.20 1.89
C LEU A 267 -14.71 -14.91 2.60
N GLY A 268 -15.37 -15.84 1.91
CA GLY A 268 -16.53 -16.52 2.46
C GLY A 268 -16.22 -17.54 3.54
N ASP A 269 -14.99 -18.03 3.55
CA ASP A 269 -14.56 -19.00 4.55
C ASP A 269 -14.07 -18.29 5.82
N ASP A 270 -14.20 -16.96 5.83
CA ASP A 270 -13.70 -16.11 6.90
C ASP A 270 -12.18 -16.14 7.07
N GLU A 271 -11.49 -16.56 6.02
CA GLU A 271 -10.03 -16.65 6.05
C GLU A 271 -9.39 -15.25 5.97
N ILE A 272 -9.96 -14.38 5.16
CA ILE A 272 -9.46 -13.00 5.07
C ILE A 272 -9.72 -12.26 6.38
N GLU A 273 -10.89 -12.46 6.97
CA GLU A 273 -11.19 -11.84 8.25
C GLU A 273 -10.20 -12.31 9.32
N MET A 274 -9.85 -13.59 9.29
CA MET A 274 -8.85 -14.12 10.21
C MET A 274 -7.50 -13.41 10.00
N LEU A 275 -7.10 -13.25 8.75
CA LEU A 275 -5.83 -12.61 8.43
C LEU A 275 -5.84 -11.13 8.87
N GLU A 276 -6.99 -10.48 8.74
CA GLU A 276 -7.13 -9.10 9.20
C GLU A 276 -6.90 -9.01 10.70
N ARG A 277 -7.52 -9.93 11.45
CA ARG A 277 -7.33 -9.99 12.90
C ARG A 277 -5.87 -10.25 13.25
N LEU A 278 -5.27 -11.18 12.51
CA LEU A 278 -3.89 -11.57 12.79
C LEU A 278 -2.90 -10.45 12.50
N TRP A 279 -3.06 -9.76 11.37
CA TRP A 279 -2.06 -8.80 10.91
C TRP A 279 -2.37 -7.32 11.15
N LEU A 280 -3.65 -6.96 11.18
CA LEU A 280 -4.02 -5.55 11.14
C LEU A 280 -4.63 -5.02 12.44
N SER A 281 -4.74 -5.87 13.45
CA SER A 281 -5.34 -5.47 14.70
C SER A 281 -4.38 -4.62 15.53
N GLY A 282 -4.93 -3.72 16.34
CA GLY A 282 -4.12 -2.83 17.15
C GLY A 282 -4.80 -2.56 18.47
N ILE A 283 -4.25 -1.63 19.23
CA ILE A 283 -4.71 -1.34 20.58
C ILE A 283 -5.57 -0.09 20.63
N CYS A 284 -5.17 0.94 19.88
CA CYS A 284 -5.84 2.23 19.94
C CYS A 284 -7.18 2.21 19.21
N HIS A 285 -8.15 2.97 19.71
CA HIS A 285 -9.43 3.08 19.01
C HIS A 285 -10.00 4.50 19.06
C OEM B . -0.02 2.50 -4.34
N OEM B . -0.91 2.06 -2.14
O OEM B . -0.69 1.54 -4.78
CA OEM B . 0.26 2.52 -2.86
CB OEM B . 0.79 3.88 -2.37
CG OEM B . -0.25 4.98 -2.47
CAA OEM B . -0.86 1.73 -0.72
OD1 OEM B . -1.45 4.65 -2.40
OD2 OEM B . 0.13 6.16 -2.62
OXT OEM B . 0.43 3.40 -5.07
#